data_8IM6
#
_entry.id   8IM6
#
_cell.length_a   53.522
_cell.length_b   77.012
_cell.length_c   74.626
_cell.angle_alpha   90.000
_cell.angle_beta   101.959
_cell.angle_gamma   90.000
#
_symmetry.space_group_name_H-M   'P 1 21 1'
#
loop_
_entity.id
_entity.type
_entity.pdbx_description
1 polymer '3C-like proteinase'
2 non-polymer '[(3~{S})-3-[[(2~{S})-2-[(4-methoxy-1~{H}-indol-2-yl)carbonylamino]-4-methyl-pentanoyl]amino]-2-oxidanylidene-4-[(3~{R})-2-oxidanylidene-3,4-dihydropyrrol-3-yl]butyl] dihydrogen phosphate'
3 water water
#
_entity_poly.entity_id   1
_entity_poly.type   'polypeptide(L)'
_entity_poly.pdbx_seq_one_letter_code
;GLRKMAQPSGFVEKCVVRVCYGNTVLNGLWLGDIVYCPRHVIASNTTSAIDYDHEYSIMRLHNFSIISGTAFLGVVGATM
HGVTLKIKVSQTNMHTPRHSFRTLKSGEGFNILACYDGCAQGVFGVNMRTNWTIRGSFINGACGSPGYNLKNGEVEFVYM
HQIELGSGSHVGSSFDGVMYGGFEDQPNLQVESANQMLTVNVVAFLYAAILNGCTWWLKGEKLFVEHYNEWAQANGFTAM
NGEDAFSILAAKTGVCVERLLHAIQVLNNGFGGKQILGYSSLNDEFSINEVVKQMFGVN
;
_entity_poly.pdbx_strand_id   A,B
#
# COMPACT_ATOMS: atom_id res chain seq x y z
N GLY A 1 14.38 -4.97 -2.38
CA GLY A 1 13.86 -4.60 -1.08
C GLY A 1 12.59 -5.39 -0.76
N LEU A 2 11.80 -4.87 0.18
CA LEU A 2 10.57 -5.53 0.61
C LEU A 2 9.57 -4.45 1.00
N ARG A 3 8.47 -4.35 0.26
CA ARG A 3 7.46 -3.33 0.52
C ARG A 3 6.12 -4.01 0.72
N LYS A 4 5.34 -3.50 1.69
CA LYS A 4 4.00 -4.00 1.93
C LYS A 4 3.07 -3.46 0.84
N MET A 5 2.58 -4.34 -0.03
CA MET A 5 1.87 -3.96 -1.24
C MET A 5 0.41 -4.39 -1.17
N ALA A 6 -0.45 -3.62 -1.81
CA ALA A 6 -1.80 -4.11 -2.02
C ALA A 6 -1.88 -4.77 -3.38
N GLN A 7 -2.74 -5.77 -3.50
CA GLN A 7 -3.09 -6.28 -4.81
C GLN A 7 -3.98 -5.24 -5.50
N PRO A 8 -3.92 -5.15 -6.83
CA PRO A 8 -4.68 -4.10 -7.53
C PRO A 8 -6.17 -4.14 -7.20
N SER A 9 -6.80 -2.97 -7.25
CA SER A 9 -8.16 -2.75 -6.78
C SER A 9 -9.19 -2.63 -7.91
N GLY A 10 -8.76 -2.72 -9.18
CA GLY A 10 -9.65 -2.35 -10.28
C GLY A 10 -10.94 -3.15 -10.35
N PHE A 11 -10.84 -4.49 -10.28
CA PHE A 11 -12.04 -5.33 -10.28
C PHE A 11 -13.01 -4.94 -9.15
N VAL A 12 -12.49 -4.62 -7.97
CA VAL A 12 -13.37 -4.32 -6.84
C VAL A 12 -14.01 -2.94 -7.00
N GLU A 13 -13.27 -1.95 -7.55
CA GLU A 13 -13.78 -0.58 -7.56
C GLU A 13 -15.11 -0.46 -8.29
N LYS A 14 -15.29 -1.24 -9.37
CA LYS A 14 -16.52 -1.21 -10.16
C LYS A 14 -17.74 -1.71 -9.39
N CYS A 15 -17.53 -2.35 -8.25
CA CYS A 15 -18.65 -2.88 -7.47
C CYS A 15 -19.08 -1.99 -6.31
N VAL A 16 -18.31 -0.97 -5.96
CA VAL A 16 -18.63 -0.18 -4.78
C VAL A 16 -19.76 0.78 -5.11
N VAL A 17 -20.72 0.89 -4.20
CA VAL A 17 -21.86 1.76 -4.38
C VAL A 17 -22.08 2.51 -3.07
N ARG A 18 -22.86 3.58 -3.17
CA ARG A 18 -23.31 4.38 -2.04
C ARG A 18 -24.70 3.88 -1.64
N VAL A 19 -24.87 3.56 -0.35
CA VAL A 19 -26.15 3.11 0.19
C VAL A 19 -26.66 4.17 1.16
N CYS A 20 -27.78 4.81 0.82
CA CYS A 20 -28.45 5.74 1.73
C CYS A 20 -29.72 5.12 2.30
N TYR A 21 -29.89 5.24 3.63
CA TYR A 21 -31.18 4.87 4.24
C TYR A 21 -31.56 5.94 5.26
N GLY A 22 -32.62 6.68 4.98
CA GLY A 22 -33.02 7.76 5.85
C GLY A 22 -31.87 8.71 6.12
N ASN A 23 -31.47 8.81 7.40
CA ASN A 23 -30.47 9.78 7.84
C ASN A 23 -29.07 9.17 7.96
N THR A 24 -28.74 8.15 7.15
CA THR A 24 -27.44 7.48 7.25
C THR A 24 -26.94 7.14 5.85
N VAL A 25 -25.67 7.41 5.58
CA VAL A 25 -25.02 7.04 4.33
C VAL A 25 -23.82 6.15 4.67
N LEU A 26 -23.59 5.11 3.88
CA LEU A 26 -22.34 4.34 3.95
C LEU A 26 -22.13 3.63 2.61
N ASN A 27 -21.20 2.68 2.58
CA ASN A 27 -20.81 2.01 1.34
C ASN A 27 -21.42 0.63 1.24
N GLY A 28 -21.73 0.21 0.00
CA GLY A 28 -22.19 -1.13 -0.26
C GLY A 28 -21.36 -1.78 -1.35
N LEU A 29 -21.53 -3.09 -1.48
CA LEU A 29 -20.83 -3.91 -2.47
C LEU A 29 -21.88 -4.55 -3.37
N TRP A 30 -21.81 -4.26 -4.67
CA TRP A 30 -22.84 -4.66 -5.62
C TRP A 30 -22.32 -5.84 -6.44
N LEU A 31 -22.93 -7.00 -6.25
CA LEU A 31 -22.49 -8.20 -6.92
C LEU A 31 -23.72 -8.89 -7.47
N GLY A 32 -23.72 -9.22 -8.75
CA GLY A 32 -24.93 -9.73 -9.37
C GLY A 32 -26.07 -8.73 -9.17
N ASP A 33 -27.18 -9.15 -8.60
CA ASP A 33 -28.25 -8.20 -8.30
C ASP A 33 -28.43 -7.99 -6.79
N ILE A 34 -27.38 -8.18 -6.00
CA ILE A 34 -27.43 -7.98 -4.55
C ILE A 34 -26.42 -6.89 -4.17
N VAL A 35 -26.83 -5.99 -3.27
CA VAL A 35 -25.92 -5.06 -2.63
C VAL A 35 -25.73 -5.50 -1.18
N TYR A 36 -24.47 -5.73 -0.78
CA TYR A 36 -24.13 -6.07 0.60
C TYR A 36 -23.67 -4.83 1.35
N CYS A 37 -24.09 -4.67 2.61
CA CYS A 37 -23.69 -3.51 3.39
C CYS A 37 -23.98 -3.79 4.87
N PRO A 38 -23.41 -3.00 5.76
CA PRO A 38 -23.68 -3.20 7.19
C PRO A 38 -25.14 -2.97 7.53
N ARG A 39 -25.66 -3.80 8.43
CA ARG A 39 -27.06 -3.66 8.82
C ARG A 39 -27.32 -2.40 9.65
N HIS A 40 -26.30 -1.83 10.29
CA HIS A 40 -26.58 -0.61 11.06
C HIS A 40 -26.98 0.57 10.20
N VAL A 41 -26.89 0.48 8.87
CA VAL A 41 -27.43 1.55 8.01
C VAL A 41 -28.90 1.84 8.29
N ILE A 42 -29.67 0.85 8.79
CA ILE A 42 -31.11 1.09 9.01
C ILE A 42 -31.43 1.54 10.43
N ALA A 43 -30.45 1.71 11.31
CA ALA A 43 -30.73 2.09 12.68
C ALA A 43 -30.95 3.60 12.78
N SER A 44 -32.17 4.01 13.11
CA SER A 44 -32.46 5.45 13.17
C SER A 44 -31.71 6.14 14.31
N ASN A 45 -31.66 5.50 15.48
CA ASN A 45 -31.11 6.07 16.72
C ASN A 45 -30.01 5.15 17.23
N THR A 46 -28.78 5.66 17.30
CA THR A 46 -27.64 4.87 17.71
C THR A 46 -26.97 5.45 18.97
N THR A 47 -27.75 6.05 19.86
CA THR A 47 -27.21 6.52 21.13
C THR A 47 -27.67 5.66 22.30
N SER A 48 -28.27 4.51 22.01
CA SER A 48 -28.51 3.47 23.00
C SER A 48 -28.52 2.13 22.27
N ALA A 49 -28.81 1.06 23.00
CA ALA A 49 -28.74 -0.29 22.43
C ALA A 49 -29.72 -0.44 21.28
N ILE A 50 -29.27 -1.06 20.19
CA ILE A 50 -30.03 -1.17 18.95
C ILE A 50 -30.70 -2.54 18.95
N ASP A 51 -32.04 -2.55 18.95
CA ASP A 51 -32.80 -3.78 18.78
C ASP A 51 -33.00 -3.97 17.28
N TYR A 52 -32.22 -4.87 16.68
CA TYR A 52 -32.21 -4.98 15.23
C TYR A 52 -33.46 -5.65 14.68
N ASP A 53 -34.14 -6.50 15.48
CA ASP A 53 -35.41 -7.05 15.01
C ASP A 53 -36.45 -5.95 14.90
N HIS A 54 -36.52 -5.06 15.87
CA HIS A 54 -37.42 -3.90 15.77
C HIS A 54 -37.06 -3.04 14.57
N GLU A 55 -35.79 -2.61 14.47
CA GLU A 55 -35.41 -1.79 13.31
C GLU A 55 -35.78 -2.50 12.00
N TYR A 56 -35.54 -3.81 11.92
CA TYR A 56 -35.89 -4.54 10.71
C TYR A 56 -37.39 -4.51 10.43
N SER A 57 -38.22 -4.68 11.45
CA SER A 57 -39.66 -4.73 11.16
C SER A 57 -40.21 -3.38 10.71
N ILE A 58 -39.64 -2.26 11.17
CA ILE A 58 -40.13 -0.96 10.71
C ILE A 58 -39.47 -0.48 9.44
N MET A 59 -38.55 -1.26 8.86
CA MET A 59 -37.84 -0.84 7.67
C MET A 59 -38.78 -0.75 6.48
N ARG A 60 -38.70 0.35 5.71
CA ARG A 60 -39.49 0.52 4.49
C ARG A 60 -38.55 0.71 3.31
N LEU A 61 -38.78 -0.08 2.25
CA LEU A 61 -37.82 -0.11 1.15
C LEU A 61 -37.72 1.24 0.46
N HIS A 62 -38.77 2.07 0.51
CA HIS A 62 -38.68 3.33 -0.21
C HIS A 62 -37.75 4.33 0.46
N ASN A 63 -37.20 4.03 1.64
CA ASN A 63 -36.23 4.91 2.26
C ASN A 63 -34.80 4.64 1.79
N PHE A 64 -34.60 3.58 1.00
CA PHE A 64 -33.28 3.31 0.43
C PHE A 64 -33.05 4.18 -0.80
N SER A 65 -31.79 4.61 -0.96
CA SER A 65 -31.30 5.08 -2.25
C SER A 65 -29.94 4.46 -2.47
N ILE A 66 -29.74 3.81 -3.61
CA ILE A 66 -28.48 3.14 -3.92
C ILE A 66 -27.93 3.72 -5.22
N ILE A 67 -26.68 4.18 -5.18
CA ILE A 67 -26.10 4.96 -6.27
C ILE A 67 -24.82 4.27 -6.73
N SER A 68 -24.75 3.92 -8.02
CA SER A 68 -23.53 3.43 -8.61
C SER A 68 -23.02 4.50 -9.58
N GLY A 69 -21.84 5.04 -9.29
CA GLY A 69 -21.32 6.17 -10.04
C GLY A 69 -22.30 7.32 -9.97
N THR A 70 -23.07 7.51 -11.04
CA THR A 70 -24.15 8.49 -11.05
C THR A 70 -25.53 7.87 -11.24
N ALA A 71 -25.64 6.54 -11.24
CA ALA A 71 -26.89 5.86 -11.55
C ALA A 71 -27.58 5.38 -10.27
N PHE A 72 -28.86 5.70 -10.14
CA PHE A 72 -29.67 5.11 -9.10
C PHE A 72 -30.04 3.68 -9.47
N LEU A 73 -30.10 2.80 -8.46
CA LEU A 73 -30.52 1.41 -8.63
C LEU A 73 -31.86 1.21 -7.94
N GLY A 74 -32.73 0.43 -8.58
CA GLY A 74 -34.05 0.20 -8.01
C GLY A 74 -34.04 -0.89 -6.97
N VAL A 75 -34.56 -0.61 -5.79
CA VAL A 75 -34.51 -1.54 -4.67
C VAL A 75 -35.79 -2.36 -4.67
N VAL A 76 -35.65 -3.68 -4.55
CA VAL A 76 -36.74 -4.61 -4.74
C VAL A 76 -37.05 -5.38 -3.46
N GLY A 77 -36.05 -5.53 -2.60
CA GLY A 77 -36.20 -6.25 -1.34
C GLY A 77 -34.93 -6.12 -0.53
N ALA A 78 -35.01 -6.56 0.72
CA ALA A 78 -33.87 -6.49 1.63
C ALA A 78 -34.06 -7.49 2.76
N THR A 79 -33.02 -8.30 3.02
CA THR A 79 -33.04 -9.26 4.10
C THR A 79 -31.82 -9.05 4.99
N MET A 80 -31.93 -9.47 6.25
CA MET A 80 -30.87 -9.31 7.24
C MET A 80 -30.20 -10.66 7.47
N HIS A 81 -28.87 -10.65 7.50
CA HIS A 81 -28.06 -11.86 7.66
C HIS A 81 -26.93 -11.54 8.62
N GLY A 82 -27.07 -11.98 9.86
CA GLY A 82 -26.11 -11.60 10.87
C GLY A 82 -25.99 -10.08 10.93
N VAL A 83 -24.78 -9.54 10.80
CA VAL A 83 -24.60 -8.09 10.91
C VAL A 83 -24.58 -7.41 9.55
N THR A 84 -25.15 -8.05 8.52
CA THR A 84 -25.19 -7.45 7.20
C THR A 84 -26.62 -7.42 6.68
N LEU A 85 -26.82 -6.59 5.67
CA LEU A 85 -28.04 -6.55 4.88
C LEU A 85 -27.71 -7.03 3.49
N LYS A 86 -28.62 -7.81 2.88
CA LYS A 86 -28.53 -8.20 1.48
C LYS A 86 -29.69 -7.52 0.76
N ILE A 87 -29.39 -6.53 -0.08
CA ILE A 87 -30.40 -5.67 -0.69
C ILE A 87 -30.55 -6.08 -2.15
N LYS A 88 -31.73 -6.57 -2.51
CA LYS A 88 -31.99 -6.98 -3.88
C LYS A 88 -32.36 -5.78 -4.74
N VAL A 89 -31.63 -5.60 -5.84
CA VAL A 89 -31.83 -4.47 -6.74
C VAL A 89 -32.25 -4.99 -8.11
N SER A 90 -32.95 -4.15 -8.86
CA SER A 90 -33.52 -4.57 -10.12
C SER A 90 -32.49 -4.64 -11.26
N GLN A 91 -31.25 -4.25 -11.03
CA GLN A 91 -30.22 -4.28 -12.06
C GLN A 91 -29.09 -5.20 -11.64
N THR A 92 -28.55 -5.94 -12.60
CA THR A 92 -27.37 -6.78 -12.40
C THR A 92 -26.12 -5.97 -12.70
N ASN A 93 -25.12 -6.08 -11.83
CA ASN A 93 -23.85 -5.42 -12.07
C ASN A 93 -23.11 -6.19 -13.15
N MET A 94 -23.09 -5.64 -14.37
CA MET A 94 -22.43 -6.35 -15.46
C MET A 94 -20.91 -6.34 -15.33
N HIS A 95 -20.35 -5.63 -14.34
CA HIS A 95 -18.94 -5.73 -14.02
C HIS A 95 -18.66 -6.64 -12.85
N THR A 96 -19.62 -7.47 -12.46
CA THR A 96 -19.41 -8.38 -11.34
C THR A 96 -18.24 -9.30 -11.68
N PRO A 97 -17.19 -9.33 -10.88
CA PRO A 97 -16.04 -10.17 -11.19
C PRO A 97 -16.32 -11.61 -10.84
N ARG A 98 -15.49 -12.49 -11.39
CA ARG A 98 -15.40 -13.85 -10.87
C ARG A 98 -15.01 -13.78 -9.40
N HIS A 99 -15.80 -14.43 -8.53
CA HIS A 99 -15.58 -14.22 -7.10
C HIS A 99 -16.11 -15.39 -6.28
N SER A 100 -15.68 -15.38 -5.01
CA SER A 100 -16.22 -16.24 -3.95
C SER A 100 -16.16 -15.46 -2.64
N PHE A 101 -16.65 -16.08 -1.56
CA PHE A 101 -16.53 -15.51 -0.23
C PHE A 101 -15.73 -16.45 0.64
N ARG A 102 -14.80 -15.88 1.43
CA ARG A 102 -13.99 -16.66 2.34
C ARG A 102 -13.86 -15.90 3.66
N THR A 103 -13.75 -16.66 4.76
CA THR A 103 -13.52 -16.07 6.08
C THR A 103 -12.05 -16.17 6.46
N LEU A 104 -11.46 -15.02 6.79
CA LEU A 104 -10.05 -14.98 7.17
C LEU A 104 -9.76 -15.78 8.42
N LYS A 105 -8.63 -16.47 8.42
CA LYS A 105 -8.11 -17.06 9.64
C LYS A 105 -7.12 -16.12 10.31
N SER A 106 -6.82 -16.43 11.56
CA SER A 106 -5.88 -15.64 12.36
C SER A 106 -4.54 -15.49 11.65
N GLY A 107 -4.13 -14.24 11.43
CA GLY A 107 -2.82 -13.99 10.85
C GLY A 107 -2.77 -13.85 9.34
N GLU A 108 -3.87 -14.07 8.64
CA GLU A 108 -3.82 -14.07 7.17
C GLU A 108 -3.87 -12.65 6.59
N GLY A 109 -3.15 -12.44 5.51
CA GLY A 109 -3.12 -11.15 4.85
C GLY A 109 -4.27 -10.95 3.88
N PHE A 110 -4.66 -9.70 3.71
CA PHE A 110 -5.67 -9.34 2.71
C PHE A 110 -5.50 -7.87 2.35
N ASN A 111 -6.42 -7.33 1.55
CA ASN A 111 -6.36 -5.96 1.06
C ASN A 111 -7.64 -5.23 1.43
N ILE A 112 -7.51 -3.98 1.84
CA ILE A 112 -8.65 -3.11 2.16
C ILE A 112 -8.76 -2.03 1.09
N LEU A 113 -9.94 -1.89 0.50
CA LEU A 113 -10.27 -0.75 -0.36
C LEU A 113 -11.06 0.24 0.50
N ALA A 114 -10.42 1.33 0.92
CA ALA A 114 -11.09 2.30 1.80
C ALA A 114 -11.97 3.21 0.96
N CYS A 115 -13.28 3.18 1.20
CA CYS A 115 -14.24 3.92 0.37
C CYS A 115 -15.02 4.93 1.19
N TYR A 116 -15.48 5.98 0.51
CA TYR A 116 -16.23 7.08 1.13
C TYR A 116 -17.28 7.54 0.12
N ASP A 117 -18.53 7.67 0.58
CA ASP A 117 -19.62 8.14 -0.26
C ASP A 117 -19.78 7.28 -1.52
N GLY A 118 -19.44 5.98 -1.42
CA GLY A 118 -19.52 5.08 -2.54
C GLY A 118 -18.39 5.18 -3.55
N CYS A 119 -17.27 5.79 -3.17
CA CYS A 119 -16.14 5.95 -4.07
C CYS A 119 -14.84 5.59 -3.36
N ALA A 120 -14.00 4.80 -4.02
CA ALA A 120 -12.72 4.36 -3.44
C ALA A 120 -11.72 5.52 -3.37
N GLN A 121 -11.00 5.60 -2.23
CA GLN A 121 -10.03 6.65 -1.96
C GLN A 121 -8.62 6.14 -1.62
N GLY A 122 -8.50 4.96 -1.03
CA GLY A 122 -7.19 4.38 -0.75
C GLY A 122 -7.25 2.87 -0.79
N VAL A 123 -6.08 2.26 -0.90
CA VAL A 123 -5.96 0.79 -0.88
C VAL A 123 -4.67 0.43 -0.16
N PHE A 124 -4.71 -0.62 0.67
CA PHE A 124 -3.52 -1.04 1.40
C PHE A 124 -3.66 -2.51 1.79
N GLY A 125 -2.50 -3.15 2.00
CA GLY A 125 -2.44 -4.50 2.52
C GLY A 125 -2.37 -4.51 4.04
N VAL A 126 -2.86 -5.59 4.64
CA VAL A 126 -3.09 -5.62 6.08
C VAL A 126 -3.25 -7.07 6.50
N ASN A 127 -3.02 -7.35 7.78
CA ASN A 127 -3.15 -8.70 8.34
C ASN A 127 -4.24 -8.74 9.39
N MET A 128 -5.06 -9.80 9.36
CA MET A 128 -6.00 -10.04 10.44
C MET A 128 -5.21 -10.47 11.68
N ARG A 129 -5.26 -9.68 12.74
CA ARG A 129 -4.42 -10.02 13.89
C ARG A 129 -5.05 -11.13 14.73
N THR A 130 -4.24 -11.68 15.67
CA THR A 130 -4.73 -12.76 16.52
C THR A 130 -5.86 -12.32 17.42
N ASN A 131 -6.06 -11.02 17.63
CA ASN A 131 -7.20 -10.52 18.40
C ASN A 131 -8.37 -10.11 17.51
N TRP A 132 -8.35 -10.52 16.23
CA TRP A 132 -9.47 -10.34 15.28
C TRP A 132 -9.76 -8.87 14.98
N THR A 133 -8.75 -8.02 15.11
CA THR A 133 -8.82 -6.62 14.72
C THR A 133 -7.72 -6.35 13.69
N ILE A 134 -7.84 -5.22 12.99
CA ILE A 134 -6.80 -4.81 12.05
C ILE A 134 -6.34 -3.40 12.40
N ARG A 135 -5.12 -3.09 11.99
CA ARG A 135 -4.60 -1.73 12.07
C ARG A 135 -4.90 -1.07 10.73
N GLY A 136 -6.07 -0.45 10.63
CA GLY A 136 -6.45 0.26 9.43
C GLY A 136 -6.31 1.77 9.59
N SER A 137 -6.86 2.49 8.63
CA SER A 137 -6.92 3.94 8.65
C SER A 137 -8.29 4.29 8.08
N PHE A 138 -9.22 4.59 8.97
CA PHE A 138 -10.60 4.83 8.57
C PHE A 138 -11.11 6.05 9.33
N ILE A 139 -11.89 6.89 8.66
CA ILE A 139 -12.62 7.92 9.38
C ILE A 139 -14.09 7.70 9.08
N ASN A 140 -14.95 8.53 9.67
CA ASN A 140 -16.38 8.37 9.51
C ASN A 140 -16.75 8.32 8.04
N GLY A 141 -17.70 7.45 7.70
CA GLY A 141 -18.09 7.21 6.33
C GLY A 141 -17.48 5.99 5.69
N ALA A 142 -16.52 5.33 6.34
CA ALA A 142 -15.84 4.17 5.76
C ALA A 142 -16.61 2.86 5.89
N CYS A 143 -17.68 2.81 6.66
CA CYS A 143 -18.39 1.55 6.86
C CYS A 143 -18.85 0.97 5.53
N GLY A 144 -18.72 -0.35 5.39
CA GLY A 144 -19.03 -1.02 4.16
C GLY A 144 -17.87 -1.16 3.19
N SER A 145 -16.72 -0.53 3.48
CA SER A 145 -15.54 -0.69 2.65
C SER A 145 -15.13 -2.16 2.60
N PRO A 146 -14.87 -2.71 1.42
CA PRO A 146 -14.59 -4.15 1.32
C PRO A 146 -13.12 -4.50 1.43
N GLY A 147 -12.88 -5.68 1.96
CA GLY A 147 -11.56 -6.30 1.97
C GLY A 147 -11.60 -7.52 1.08
N TYR A 148 -10.48 -7.79 0.40
CA TYR A 148 -10.45 -8.79 -0.67
C TYR A 148 -9.05 -9.39 -0.81
N ASN A 149 -9.02 -10.50 -1.57
CA ASN A 149 -7.79 -11.10 -2.06
C ASN A 149 -8.02 -11.55 -3.50
N LEU A 150 -6.96 -11.49 -4.31
CA LEU A 150 -6.98 -12.00 -5.68
C LEU A 150 -6.22 -13.33 -5.71
N LYS A 151 -6.88 -14.39 -6.15
CA LYS A 151 -6.22 -15.69 -6.22
C LYS A 151 -6.80 -16.48 -7.37
N ASN A 152 -5.94 -17.05 -8.21
CA ASN A 152 -6.36 -17.95 -9.29
C ASN A 152 -7.37 -17.29 -10.23
N GLY A 153 -7.15 -16.02 -10.57
CA GLY A 153 -8.10 -15.31 -11.43
C GLY A 153 -9.48 -15.13 -10.83
N GLU A 154 -9.56 -15.03 -9.50
CA GLU A 154 -10.83 -14.86 -8.81
C GLU A 154 -10.64 -13.86 -7.69
N VAL A 155 -11.66 -13.05 -7.42
CA VAL A 155 -11.66 -12.16 -6.24
C VAL A 155 -12.31 -12.91 -5.08
N GLU A 156 -11.59 -13.06 -3.97
CA GLU A 156 -12.17 -13.54 -2.72
C GLU A 156 -12.52 -12.34 -1.84
N PHE A 157 -13.81 -12.15 -1.55
CA PHE A 157 -14.25 -11.11 -0.63
C PHE A 157 -14.28 -11.65 0.79
N VAL A 158 -13.58 -10.95 1.68
CA VAL A 158 -13.25 -11.45 3.02
C VAL A 158 -13.61 -10.48 4.13
N TYR A 159 -13.84 -9.20 3.88
CA TYR A 159 -14.00 -8.27 5.00
C TYR A 159 -14.95 -7.15 4.59
N MET A 160 -15.91 -6.85 5.46
CA MET A 160 -16.75 -5.67 5.33
C MET A 160 -16.55 -4.81 6.57
N HIS A 161 -16.12 -3.57 6.38
CA HIS A 161 -15.76 -2.73 7.53
C HIS A 161 -16.99 -2.33 8.33
N GLN A 162 -16.91 -2.43 9.66
CA GLN A 162 -18.08 -2.16 10.51
C GLN A 162 -17.83 -1.11 11.59
N ILE A 163 -16.80 -1.27 12.43
CA ILE A 163 -16.67 -0.44 13.63
C ILE A 163 -15.21 -0.09 13.90
N GLU A 164 -15.02 0.94 14.71
CA GLU A 164 -13.70 1.33 15.22
C GLU A 164 -13.76 1.24 16.74
N LEU A 165 -12.84 0.46 17.32
CA LEU A 165 -12.89 0.22 18.75
C LEU A 165 -12.30 1.41 19.51
N GLY A 166 -12.57 1.43 20.82
CA GLY A 166 -12.08 2.53 21.65
C GLY A 166 -10.58 2.73 21.54
N SER A 167 -9.83 1.65 21.29
CA SER A 167 -8.38 1.70 21.17
C SER A 167 -7.89 2.20 19.81
N GLY A 168 -8.76 2.39 18.82
CA GLY A 168 -8.33 2.73 17.49
C GLY A 168 -8.27 1.57 16.52
N SER A 169 -8.42 0.33 17.00
CA SER A 169 -8.41 -0.84 16.14
C SER A 169 -9.74 -0.97 15.39
N HIS A 170 -9.68 -1.67 14.25
CA HIS A 170 -10.82 -1.73 13.35
C HIS A 170 -11.38 -3.14 13.26
N VAL A 171 -12.69 -3.22 13.22
CA VAL A 171 -13.38 -4.50 13.23
C VAL A 171 -14.35 -4.53 12.04
N GLY A 172 -14.40 -5.67 11.37
CA GLY A 172 -15.36 -5.87 10.31
C GLY A 172 -15.99 -7.24 10.41
N SER A 173 -16.75 -7.64 9.40
CA SER A 173 -17.41 -8.94 9.37
C SER A 173 -17.08 -9.61 8.05
N SER A 174 -17.37 -10.91 7.98
CA SER A 174 -17.36 -11.59 6.69
C SER A 174 -18.59 -11.19 5.88
N PHE A 175 -18.61 -11.58 4.62
CA PHE A 175 -19.85 -11.35 3.88
C PHE A 175 -20.93 -12.37 4.20
N ASP A 176 -20.63 -13.39 5.03
CA ASP A 176 -21.68 -14.21 5.65
C ASP A 176 -22.43 -13.45 6.73
N GLY A 177 -21.87 -12.33 7.20
CA GLY A 177 -22.49 -11.58 8.27
C GLY A 177 -22.03 -11.93 9.65
N VAL A 178 -20.89 -12.59 9.79
CA VAL A 178 -20.29 -12.94 11.08
C VAL A 178 -19.19 -11.94 11.39
N MET A 179 -19.33 -11.22 12.50
CA MET A 179 -18.32 -10.24 12.91
C MET A 179 -17.08 -10.98 13.39
N TYR A 180 -15.92 -10.62 12.83
CA TYR A 180 -14.65 -11.17 13.28
C TYR A 180 -14.48 -10.90 14.77
N GLY A 181 -14.01 -11.92 15.50
CA GLY A 181 -13.82 -11.80 16.94
C GLY A 181 -15.08 -11.77 17.78
N GLY A 182 -16.26 -11.83 17.16
CA GLY A 182 -17.50 -11.80 17.92
C GLY A 182 -17.92 -10.46 18.46
N PHE A 183 -17.29 -9.37 18.04
CA PHE A 183 -17.70 -8.04 18.47
C PHE A 183 -19.12 -7.74 18.00
N GLU A 184 -19.79 -6.85 18.73
CA GLU A 184 -21.17 -6.45 18.49
C GLU A 184 -21.23 -5.15 17.70
N ASP A 185 -22.23 -5.04 16.82
CA ASP A 185 -22.43 -3.78 16.11
C ASP A 185 -23.38 -2.88 16.91
N GLN A 186 -22.90 -2.56 18.11
CA GLN A 186 -23.64 -1.77 19.06
C GLN A 186 -22.80 -0.58 19.48
N PRO A 187 -23.43 0.55 19.76
CA PRO A 187 -22.68 1.76 20.16
C PRO A 187 -22.30 1.71 21.63
N ASN A 188 -21.23 0.99 21.95
CA ASN A 188 -20.73 0.98 23.32
C ASN A 188 -19.31 0.42 23.33
N LEU A 189 -18.60 0.69 24.41
CA LEU A 189 -17.20 0.30 24.49
C LEU A 189 -17.07 -1.21 24.50
N GLN A 190 -16.12 -1.71 23.72
CA GLN A 190 -15.71 -3.10 23.77
C GLN A 190 -14.20 -3.12 23.73
N VAL A 191 -13.60 -4.01 24.51
CA VAL A 191 -12.15 -4.09 24.61
C VAL A 191 -11.69 -5.38 23.94
N GLU A 192 -10.69 -5.26 23.08
CA GLU A 192 -10.14 -6.44 22.43
C GLU A 192 -9.07 -7.09 23.31
N SER A 193 -8.83 -8.37 23.05
CA SER A 193 -7.73 -9.09 23.68
C SER A 193 -6.40 -8.54 23.22
N ALA A 194 -5.35 -8.84 24.00
CA ALA A 194 -4.02 -8.36 23.66
C ALA A 194 -3.55 -8.98 22.35
N ASN A 195 -2.85 -8.19 21.56
CA ASN A 195 -2.34 -8.65 20.28
C ASN A 195 -1.12 -9.54 20.48
N GLN A 196 -0.91 -10.46 19.55
CA GLN A 196 0.28 -11.30 19.53
C GLN A 196 1.08 -11.05 18.26
N MET A 197 2.41 -10.97 18.40
CA MET A 197 3.28 -10.93 17.22
C MET A 197 3.22 -12.27 16.49
N LEU A 198 3.10 -12.21 15.16
CA LEU A 198 2.97 -13.43 14.37
C LEU A 198 4.36 -13.99 14.08
N THR A 199 4.68 -15.09 14.77
CA THR A 199 6.03 -15.67 14.68
C THR A 199 6.39 -16.09 13.25
N VAL A 200 5.46 -16.71 12.51
CA VAL A 200 5.84 -17.18 11.18
C VAL A 200 6.15 -16.01 10.24
N ASN A 201 5.56 -14.83 10.48
CA ASN A 201 5.87 -13.67 9.66
C ASN A 201 7.19 -13.03 10.06
N VAL A 202 7.57 -13.16 11.32
CA VAL A 202 8.87 -12.65 11.74
C VAL A 202 9.98 -13.52 11.17
N VAL A 203 9.77 -14.82 11.13
CA VAL A 203 10.76 -15.73 10.53
C VAL A 203 10.95 -15.41 9.05
N ALA A 204 9.85 -15.22 8.31
CA ALA A 204 9.94 -14.91 6.89
C ALA A 204 10.67 -13.59 6.66
N PHE A 205 10.40 -12.60 7.51
CA PHE A 205 11.12 -11.33 7.47
C PHE A 205 12.61 -11.53 7.62
N LEU A 206 13.02 -12.43 8.53
CA LEU A 206 14.44 -12.64 8.79
C LEU A 206 15.12 -13.38 7.65
N TYR A 207 14.41 -14.30 6.99
CA TYR A 207 14.93 -14.88 5.76
C TYR A 207 15.14 -13.80 4.72
N ALA A 208 14.15 -12.92 4.56
CA ALA A 208 14.27 -11.80 3.63
C ALA A 208 15.54 -11.01 3.90
N ALA A 209 15.81 -10.71 5.17
CA ALA A 209 17.04 -10.00 5.53
C ALA A 209 18.28 -10.76 5.07
N ILE A 210 18.28 -12.09 5.23
CA ILE A 210 19.42 -12.89 4.79
C ILE A 210 19.62 -12.75 3.29
N LEU A 211 18.54 -12.97 2.53
CA LEU A 211 18.65 -12.88 1.08
C LEU A 211 19.09 -11.51 0.60
N ASN A 212 18.69 -10.46 1.30
CA ASN A 212 19.15 -9.12 0.97
C ASN A 212 20.53 -8.82 1.54
N GLY A 213 21.15 -9.77 2.25
CA GLY A 213 22.51 -9.61 2.70
C GLY A 213 22.69 -9.04 4.08
N CYS A 214 21.61 -8.69 4.77
CA CYS A 214 21.67 -8.16 6.12
C CYS A 214 21.74 -9.34 7.10
N THR A 215 22.93 -9.64 7.60
CA THR A 215 23.16 -10.86 8.36
C THR A 215 23.78 -10.62 9.74
N TRP A 216 23.93 -9.35 10.15
CA TRP A 216 24.72 -9.06 11.33
C TRP A 216 24.14 -9.68 12.59
N TRP A 217 22.84 -9.91 12.61
CA TRP A 217 22.14 -10.46 13.76
C TRP A 217 22.25 -11.98 13.85
N LEU A 218 22.75 -12.63 12.80
CA LEU A 218 22.66 -14.07 12.64
C LEU A 218 23.80 -14.75 13.39
N LYS A 219 23.45 -15.65 14.32
CA LYS A 219 24.43 -16.52 14.95
C LYS A 219 24.20 -17.96 14.47
N GLY A 220 24.99 -18.87 15.04
CA GLY A 220 24.91 -20.26 14.66
C GLY A 220 24.13 -21.16 15.59
N GLU A 221 23.64 -20.63 16.71
CA GLU A 221 22.95 -21.46 17.70
C GLU A 221 21.50 -21.72 17.27
N LYS A 222 21.02 -22.91 17.59
CA LYS A 222 19.64 -23.32 17.30
C LYS A 222 18.81 -23.32 18.59
N LEU A 223 17.55 -22.94 18.45
CA LEU A 223 16.58 -23.01 19.53
C LEU A 223 15.43 -23.89 19.06
N PHE A 224 15.20 -25.00 19.76
CA PHE A 224 14.21 -25.98 19.32
C PHE A 224 12.81 -25.37 19.31
N VAL A 225 12.02 -25.74 18.30
CA VAL A 225 10.69 -25.17 18.15
C VAL A 225 9.89 -25.30 19.44
N GLU A 226 10.03 -26.44 20.12
CA GLU A 226 9.30 -26.65 21.37
C GLU A 226 9.79 -25.70 22.46
N HIS A 227 11.11 -25.50 22.57
CA HIS A 227 11.63 -24.56 23.56
C HIS A 227 11.21 -23.12 23.23
N TYR A 228 11.16 -22.78 21.94
CA TYR A 228 10.71 -21.45 21.56
C TYR A 228 9.25 -21.24 21.94
N ASN A 229 8.40 -22.25 21.73
CA ASN A 229 6.95 -22.09 21.92
C ASN A 229 6.61 -21.83 23.39
N GLU A 230 7.33 -22.44 24.31
CA GLU A 230 7.16 -22.11 25.73
C GLU A 230 7.58 -20.67 26.00
N TRP A 231 8.63 -20.19 25.32
CA TRP A 231 9.04 -18.81 25.50
C TRP A 231 8.05 -17.83 24.86
N ALA A 232 7.43 -18.23 23.75
CA ALA A 232 6.51 -17.32 23.07
C ALA A 232 5.22 -17.13 23.87
N GLN A 233 4.76 -18.18 24.56
CA GLN A 233 3.56 -18.06 25.38
C GLN A 233 3.71 -17.01 26.47
N ALA A 234 4.94 -16.75 26.91
CA ALA A 234 5.21 -15.81 27.99
C ALA A 234 5.74 -14.46 27.48
N ASN A 235 5.81 -14.26 26.16
CA ASN A 235 6.38 -13.03 25.62
C ASN A 235 5.54 -12.42 24.50
N GLY A 236 4.29 -12.84 24.34
CA GLY A 236 3.41 -12.18 23.41
C GLY A 236 3.65 -12.51 21.95
N PHE A 237 4.24 -13.67 21.66
CA PHE A 237 4.41 -14.17 20.30
C PHE A 237 3.54 -15.41 20.13
N THR A 238 3.07 -15.62 18.90
CA THR A 238 2.37 -16.86 18.58
C THR A 238 3.37 -18.02 18.51
N ALA A 239 2.85 -19.22 18.70
CA ALA A 239 3.68 -20.41 18.59
C ALA A 239 4.15 -20.59 17.14
N MET A 240 5.22 -21.37 16.99
CA MET A 240 5.74 -21.69 15.67
C MET A 240 5.06 -22.95 15.13
N ASN A 241 4.71 -22.92 13.85
CA ASN A 241 4.22 -24.11 13.17
C ASN A 241 4.54 -23.99 11.68
N GLY A 242 4.22 -25.05 10.95
CA GLY A 242 4.45 -25.07 9.52
C GLY A 242 5.90 -24.84 9.12
N GLU A 243 6.84 -25.33 9.93
CA GLU A 243 8.26 -25.21 9.58
C GLU A 243 8.55 -25.71 8.18
N ASP A 244 7.81 -26.73 7.72
CA ASP A 244 8.04 -27.31 6.40
C ASP A 244 7.79 -26.28 5.30
N ALA A 245 6.85 -25.36 5.50
CA ALA A 245 6.58 -24.36 4.48
C ALA A 245 7.83 -23.54 4.16
N PHE A 246 8.73 -23.38 5.13
CA PHE A 246 9.96 -22.61 4.97
C PHE A 246 11.06 -23.38 4.23
N SER A 247 10.74 -24.54 3.66
CA SER A 247 11.71 -25.29 2.87
C SER A 247 12.33 -24.40 1.80
N ILE A 248 11.48 -23.77 0.98
CA ILE A 248 11.97 -22.92 -0.11
C ILE A 248 13.00 -21.93 0.41
N LEU A 249 12.65 -21.20 1.47
CA LEU A 249 13.55 -20.17 1.96
C LEU A 249 14.80 -20.78 2.59
N ALA A 250 14.65 -21.89 3.33
CA ALA A 250 15.80 -22.50 3.97
C ALA A 250 16.80 -23.02 2.95
N ALA A 251 16.30 -23.54 1.82
CA ALA A 251 17.19 -24.04 0.77
C ALA A 251 18.03 -22.92 0.17
N LYS A 252 17.37 -21.88 -0.34
CA LYS A 252 18.09 -20.79 -1.01
C LYS A 252 19.15 -20.17 -0.11
N THR A 253 18.90 -20.11 1.20
CA THR A 253 19.84 -19.47 2.10
C THR A 253 20.81 -20.44 2.72
N GLY A 254 20.37 -21.67 2.99
CA GLY A 254 21.17 -22.57 3.80
C GLY A 254 21.09 -22.31 5.28
N VAL A 255 20.06 -21.62 5.76
CA VAL A 255 19.86 -21.37 7.19
C VAL A 255 18.53 -21.98 7.61
N CYS A 256 18.53 -22.62 8.78
CA CYS A 256 17.36 -23.33 9.27
C CYS A 256 16.51 -22.45 10.17
N VAL A 257 15.24 -22.85 10.31
CA VAL A 257 14.29 -22.08 11.10
C VAL A 257 14.77 -21.93 12.54
N GLU A 258 15.28 -23.01 13.13
CA GLU A 258 15.62 -23.00 14.55
C GLU A 258 16.74 -22.00 14.88
N ARG A 259 17.54 -21.59 13.89
CA ARG A 259 18.52 -20.52 14.14
C ARG A 259 17.84 -19.17 14.22
N LEU A 260 16.79 -18.96 13.43
CA LEU A 260 16.06 -17.69 13.46
C LEU A 260 15.20 -17.58 14.72
N LEU A 261 14.61 -18.68 15.18
CA LEU A 261 13.83 -18.64 16.41
C LEU A 261 14.71 -18.21 17.58
N HIS A 262 15.97 -18.64 17.57
CA HIS A 262 16.95 -18.10 18.51
C HIS A 262 17.11 -16.59 18.32
N ALA A 263 17.24 -16.14 17.07
CA ALA A 263 17.41 -14.72 16.81
C ALA A 263 16.20 -13.92 17.26
N ILE A 264 14.99 -14.47 17.06
CA ILE A 264 13.77 -13.78 17.49
C ILE A 264 13.82 -13.50 18.98
N GLN A 265 14.27 -14.48 19.75
CA GLN A 265 14.40 -14.30 21.20
C GLN A 265 15.38 -13.19 21.54
N VAL A 266 16.54 -13.18 20.88
CA VAL A 266 17.57 -12.20 21.20
C VAL A 266 17.12 -10.80 20.77
N LEU A 267 16.61 -10.67 19.54
CA LEU A 267 16.32 -9.37 18.95
C LEU A 267 15.07 -8.71 19.53
N ASN A 268 14.30 -9.43 20.36
CA ASN A 268 13.11 -8.86 20.96
C ASN A 268 13.45 -7.73 21.93
N ASN A 269 14.69 -7.64 22.39
CA ASN A 269 15.14 -6.56 23.26
C ASN A 269 15.56 -5.29 22.52
N GLY A 270 15.55 -5.31 21.19
CA GLY A 270 15.91 -4.12 20.44
C GLY A 270 17.09 -4.33 19.51
N PHE A 271 17.14 -3.53 18.44
CA PHE A 271 18.17 -3.64 17.42
C PHE A 271 19.39 -2.79 17.73
N GLY A 272 19.43 -2.13 18.88
CA GLY A 272 20.57 -1.30 19.27
C GLY A 272 20.99 -0.27 18.25
N GLY A 273 20.03 0.42 17.62
CA GLY A 273 20.36 1.38 16.59
C GLY A 273 20.70 0.79 15.24
N LYS A 274 20.96 -0.51 15.17
CA LYS A 274 21.11 -1.15 13.87
C LYS A 274 19.73 -1.37 13.27
N GLN A 275 19.68 -1.57 11.95
CA GLN A 275 18.41 -1.67 11.24
C GLN A 275 18.42 -2.86 10.31
N ILE A 276 17.38 -3.68 10.41
CA ILE A 276 17.23 -4.90 9.61
C ILE A 276 16.23 -4.59 8.51
N LEU A 277 16.70 -4.60 7.25
CA LEU A 277 15.90 -4.19 6.09
C LEU A 277 15.23 -2.83 6.33
N GLY A 278 15.85 -2.00 7.16
CA GLY A 278 15.35 -0.65 7.37
C GLY A 278 14.27 -0.51 8.39
N TYR A 279 14.18 -1.44 9.33
CA TYR A 279 13.27 -1.34 10.46
C TYR A 279 14.09 -1.41 11.74
N SER A 280 13.60 -0.76 12.79
CA SER A 280 14.32 -0.69 14.06
C SER A 280 13.77 -1.66 15.10
N SER A 281 12.84 -2.54 14.71
CA SER A 281 12.36 -3.60 15.58
C SER A 281 11.76 -4.69 14.70
N LEU A 282 11.39 -5.80 15.32
CA LEU A 282 10.86 -6.94 14.58
C LEU A 282 9.56 -6.58 13.88
N ASN A 283 9.37 -7.13 12.69
CA ASN A 283 8.23 -6.84 11.83
C ASN A 283 7.51 -8.14 11.50
N ASP A 284 6.21 -8.20 11.80
CA ASP A 284 5.38 -9.35 11.45
C ASP A 284 4.37 -9.02 10.36
N GLU A 285 4.72 -8.06 9.49
CA GLU A 285 3.81 -7.65 8.43
C GLU A 285 3.81 -8.61 7.25
N PHE A 286 4.91 -9.32 7.01
CA PHE A 286 5.11 -10.07 5.77
C PHE A 286 5.02 -11.58 5.99
N SER A 287 4.18 -12.23 5.20
CA SER A 287 4.08 -13.68 5.21
C SER A 287 5.12 -14.31 4.29
N ILE A 288 5.29 -15.64 4.42
CA ILE A 288 6.17 -16.37 3.51
C ILE A 288 5.78 -16.07 2.07
N ASN A 289 4.48 -16.12 1.77
CA ASN A 289 3.99 -15.90 0.41
C ASN A 289 4.54 -14.61 -0.16
N GLU A 290 4.45 -13.51 0.61
CA GLU A 290 4.86 -12.20 0.12
C GLU A 290 6.36 -12.14 -0.10
N VAL A 291 7.13 -12.66 0.86
CA VAL A 291 8.59 -12.67 0.71
C VAL A 291 8.97 -13.40 -0.57
N VAL A 292 8.35 -14.55 -0.78
CA VAL A 292 8.74 -15.42 -1.89
C VAL A 292 8.31 -14.83 -3.22
N LYS A 293 7.09 -14.28 -3.30
CA LYS A 293 6.66 -13.61 -4.53
C LYS A 293 7.53 -12.39 -4.82
N GLN A 294 7.78 -11.54 -3.81
CA GLN A 294 8.53 -10.31 -4.06
C GLN A 294 9.99 -10.57 -4.39
N MET A 295 10.60 -11.64 -3.85
CA MET A 295 12.00 -11.88 -4.13
C MET A 295 12.24 -12.69 -5.38
N PHE A 296 11.29 -13.57 -5.74
CA PHE A 296 11.51 -14.56 -6.79
C PHE A 296 10.40 -14.63 -7.82
N GLY A 297 9.28 -13.92 -7.64
CA GLY A 297 8.19 -14.02 -8.59
C GLY A 297 7.44 -15.35 -8.56
N VAL A 298 7.61 -16.15 -7.52
CA VAL A 298 6.96 -17.45 -7.44
C VAL A 298 5.81 -17.38 -6.45
N ASN A 299 4.62 -17.79 -6.89
CA ASN A 299 3.43 -17.80 -6.06
C ASN A 299 3.37 -19.06 -5.23
N ARG B 3 -1.16 4.80 8.73
CA ARG B 3 -1.01 3.70 7.78
C ARG B 3 -0.71 4.13 6.34
N LYS B 4 0.43 3.66 5.82
CA LYS B 4 0.81 3.94 4.43
C LYS B 4 -0.18 3.26 3.48
N MET B 5 -0.76 4.04 2.58
CA MET B 5 -1.64 3.47 1.58
C MET B 5 -1.35 4.07 0.21
N ALA B 6 -1.93 3.44 -0.81
CA ALA B 6 -1.84 3.93 -2.16
C ALA B 6 -3.20 4.44 -2.61
N GLN B 7 -3.19 5.28 -3.63
CA GLN B 7 -4.46 5.63 -4.24
C GLN B 7 -4.90 4.49 -5.17
N PRO B 8 -6.21 4.31 -5.38
CA PRO B 8 -6.69 3.14 -6.11
C PRO B 8 -6.16 3.11 -7.53
N SER B 9 -6.08 1.89 -8.09
CA SER B 9 -5.34 1.65 -9.32
C SER B 9 -6.22 1.45 -10.55
N GLY B 10 -7.55 1.41 -10.40
CA GLY B 10 -8.41 1.00 -11.50
C GLY B 10 -8.21 1.80 -12.78
N PHE B 11 -8.12 3.14 -12.65
CA PHE B 11 -7.96 3.99 -13.83
C PHE B 11 -6.65 3.71 -14.55
N VAL B 12 -5.61 3.27 -13.84
CA VAL B 12 -4.32 3.03 -14.47
C VAL B 12 -4.21 1.61 -15.05
N GLU B 13 -4.87 0.64 -14.43
CA GLU B 13 -4.71 -0.75 -14.83
C GLU B 13 -5.08 -0.96 -16.29
N LYS B 14 -6.13 -0.29 -16.77
CA LYS B 14 -6.57 -0.48 -18.16
C LYS B 14 -5.61 0.15 -19.16
N CYS B 15 -4.61 0.90 -18.70
CA CYS B 15 -3.66 1.57 -19.58
C CYS B 15 -2.34 0.81 -19.74
N VAL B 16 -2.12 -0.25 -18.98
CA VAL B 16 -0.87 -0.99 -19.04
C VAL B 16 -0.96 -2.06 -20.14
N VAL B 17 0.11 -2.19 -20.94
CA VAL B 17 0.18 -3.18 -22.00
C VAL B 17 1.51 -3.92 -21.89
N ARG B 18 1.57 -5.06 -22.56
CA ARG B 18 2.78 -5.86 -22.63
C ARG B 18 3.48 -5.52 -23.93
N VAL B 19 4.73 -5.06 -23.82
CA VAL B 19 5.53 -4.66 -24.99
C VAL B 19 6.63 -5.70 -25.17
N CYS B 20 6.62 -6.39 -26.31
CA CYS B 20 7.71 -7.30 -26.68
C CYS B 20 8.47 -6.77 -27.90
N TYR B 21 9.79 -6.73 -27.80
CA TYR B 21 10.66 -6.46 -28.95
C TYR B 21 11.66 -7.60 -29.02
N GLY B 22 11.55 -8.43 -30.04
CA GLY B 22 12.42 -9.59 -30.12
C GLY B 22 12.17 -10.51 -28.94
N ASN B 23 13.21 -10.77 -28.14
CA ASN B 23 13.05 -11.62 -26.96
C ASN B 23 12.86 -10.81 -25.67
N THR B 24 12.94 -9.47 -25.73
CA THR B 24 12.78 -8.61 -24.57
C THR B 24 11.30 -8.28 -24.36
N VAL B 25 10.82 -8.50 -23.14
CA VAL B 25 9.44 -8.22 -22.75
C VAL B 25 9.47 -7.19 -21.62
N LEU B 26 8.57 -6.21 -21.66
CA LEU B 26 8.39 -5.32 -20.52
C LEU B 26 7.02 -4.65 -20.62
N ASN B 27 6.78 -3.67 -19.75
CA ASN B 27 5.48 -3.00 -19.67
C ASN B 27 5.50 -1.67 -20.42
N GLY B 28 4.39 -1.37 -21.09
CA GLY B 28 4.16 -0.06 -21.66
C GLY B 28 2.88 0.60 -21.15
N LEU B 29 2.77 1.90 -21.35
CA LEU B 29 1.62 2.70 -20.92
C LEU B 29 0.90 3.18 -22.17
N TRP B 30 -0.36 2.77 -22.33
CA TRP B 30 -1.14 3.04 -23.54
C TRP B 30 -2.13 4.16 -23.26
N LEU B 31 -1.87 5.34 -23.83
CA LEU B 31 -2.72 6.52 -23.65
C LEU B 31 -2.99 7.12 -25.01
N GLY B 32 -4.27 7.30 -25.35
CA GLY B 32 -4.55 7.76 -26.71
C GLY B 32 -4.08 6.73 -27.71
N ASP B 33 -3.38 7.16 -28.76
CA ASP B 33 -2.79 6.22 -29.71
C ASP B 33 -1.28 6.08 -29.56
N ILE B 34 -0.74 6.30 -28.34
CA ILE B 34 0.69 6.19 -28.07
C ILE B 34 0.93 5.17 -26.96
N VAL B 35 1.95 4.33 -27.15
CA VAL B 35 2.46 3.46 -26.10
C VAL B 35 3.83 4.00 -25.68
N TYR B 36 3.96 4.36 -24.41
CA TYR B 36 5.19 4.82 -23.79
C TYR B 36 5.87 3.65 -23.09
N CYS B 37 7.18 3.54 -23.24
CA CYS B 37 7.93 2.48 -22.59
C CYS B 37 9.41 2.86 -22.58
N PRO B 38 10.24 2.15 -21.79
CA PRO B 38 11.67 2.48 -21.74
C PRO B 38 12.36 2.16 -23.05
N ARG B 39 13.31 3.01 -23.44
CA ARG B 39 13.97 2.82 -24.72
C ARG B 39 14.88 1.60 -24.73
N HIS B 40 15.25 1.06 -23.56
CA HIS B 40 16.08 -0.14 -23.62
C HIS B 40 15.33 -1.37 -24.09
N VAL B 41 14.03 -1.27 -24.39
CA VAL B 41 13.34 -2.41 -24.98
C VAL B 41 13.95 -2.79 -26.35
N ILE B 42 14.59 -1.85 -27.05
CA ILE B 42 15.15 -2.16 -28.36
C ILE B 42 16.63 -2.49 -28.33
N ALA B 43 17.26 -2.54 -27.16
CA ALA B 43 18.70 -2.80 -27.10
C ALA B 43 18.97 -4.29 -27.28
N SER B 44 20.05 -4.61 -28.00
CA SER B 44 20.35 -6.01 -28.32
C SER B 44 21.03 -6.73 -27.16
N ASN B 45 22.00 -6.09 -26.50
CA ASN B 45 22.71 -6.70 -25.38
C ASN B 45 22.63 -5.76 -24.18
N THR B 46 21.75 -6.06 -23.22
CA THR B 46 21.70 -5.32 -21.96
C THR B 46 22.86 -5.72 -21.05
N THR B 47 23.91 -6.31 -21.62
CA THR B 47 25.08 -6.80 -20.90
C THR B 47 26.26 -5.83 -20.93
N SER B 48 26.54 -5.22 -22.08
CA SER B 48 27.63 -4.26 -22.25
C SER B 48 27.06 -2.89 -22.60
N ALA B 49 27.97 -1.93 -22.82
CA ALA B 49 27.57 -0.56 -23.09
C ALA B 49 26.64 -0.46 -24.30
N ILE B 50 25.67 0.44 -24.22
CA ILE B 50 24.62 0.56 -25.24
C ILE B 50 24.78 1.89 -25.98
N ASP B 51 24.88 1.80 -27.30
CA ASP B 51 24.88 2.97 -28.18
C ASP B 51 23.45 3.12 -28.70
N TYR B 52 22.65 3.94 -28.01
CA TYR B 52 21.23 3.99 -28.33
C TYR B 52 20.95 4.61 -29.70
N ASP B 53 21.81 5.53 -30.16
CA ASP B 53 21.63 6.07 -31.50
C ASP B 53 21.81 4.97 -32.55
N HIS B 54 22.78 4.08 -32.35
CA HIS B 54 22.92 2.92 -33.22
C HIS B 54 21.74 1.96 -33.06
N GLU B 55 21.32 1.66 -31.83
CA GLU B 55 20.20 0.73 -31.65
C GLU B 55 18.93 1.27 -32.32
N TYR B 56 18.69 2.57 -32.21
CA TYR B 56 17.50 3.12 -32.84
C TYR B 56 17.60 3.04 -34.38
N SER B 57 18.80 3.23 -34.94
CA SER B 57 18.94 3.19 -36.40
C SER B 57 18.73 1.78 -36.97
N ILE B 58 19.06 0.74 -36.21
CA ILE B 58 18.83 -0.61 -36.69
C ILE B 58 17.50 -1.19 -36.20
N MET B 59 16.69 -0.42 -35.49
CA MET B 59 15.38 -0.89 -35.05
C MET B 59 14.51 -1.32 -36.22
N ARG B 60 13.83 -2.46 -36.08
CA ARG B 60 12.89 -2.95 -37.10
C ARG B 60 11.51 -3.14 -36.48
N LEU B 61 10.54 -2.37 -36.98
CA LEU B 61 9.26 -2.29 -36.29
C LEU B 61 8.48 -3.59 -36.29
N HIS B 62 8.77 -4.51 -37.21
CA HIS B 62 8.06 -5.79 -37.19
C HIS B 62 8.49 -6.69 -36.04
N ASN B 63 9.59 -6.35 -35.36
CA ASN B 63 9.96 -7.06 -34.15
C ASN B 63 9.06 -6.75 -32.97
N PHE B 64 8.23 -5.69 -33.06
CA PHE B 64 7.35 -5.34 -31.95
C PHE B 64 6.12 -6.23 -31.90
N SER B 65 5.67 -6.50 -30.68
CA SER B 65 4.37 -7.10 -30.42
C SER B 65 3.83 -6.45 -29.16
N ILE B 66 2.66 -5.83 -29.25
CA ILE B 66 2.06 -5.09 -28.15
C ILE B 66 0.67 -5.67 -27.90
N ILE B 67 0.42 -6.12 -26.68
CA ILE B 67 -0.81 -6.83 -26.32
C ILE B 67 -1.52 -6.10 -25.18
N SER B 68 -2.79 -5.76 -25.39
CA SER B 68 -3.65 -5.28 -24.31
C SER B 68 -4.74 -6.33 -24.09
N GLY B 69 -4.68 -7.02 -22.96
CA GLY B 69 -5.61 -8.10 -22.68
C GLY B 69 -5.46 -9.22 -23.67
N THR B 70 -6.40 -9.30 -24.61
CA THR B 70 -6.34 -10.31 -25.65
C THR B 70 -6.05 -9.75 -27.03
N ALA B 71 -5.98 -8.43 -27.18
CA ALA B 71 -5.87 -7.80 -28.49
C ALA B 71 -4.44 -7.39 -28.78
N PHE B 72 -4.09 -7.43 -30.07
CA PHE B 72 -2.83 -6.92 -30.58
C PHE B 72 -3.03 -5.53 -31.14
N LEU B 73 -2.08 -4.64 -30.86
CA LEU B 73 -2.10 -3.29 -31.42
C LEU B 73 -1.15 -3.23 -32.61
N GLY B 74 -1.49 -2.40 -33.59
CA GLY B 74 -0.69 -2.28 -34.80
C GLY B 74 0.25 -1.11 -34.75
N VAL B 75 1.56 -1.38 -34.77
CA VAL B 75 2.54 -0.30 -34.71
C VAL B 75 2.63 0.39 -36.06
N VAL B 76 2.58 1.72 -36.06
CA VAL B 76 2.76 2.49 -37.29
C VAL B 76 4.01 3.34 -37.26
N GLY B 77 4.58 3.61 -36.09
CA GLY B 77 5.83 4.36 -36.01
C GLY B 77 6.37 4.30 -34.60
N ALA B 78 7.62 4.72 -34.47
CA ALA B 78 8.20 4.83 -33.13
C ALA B 78 9.26 5.91 -33.16
N THR B 79 9.33 6.71 -32.11
CA THR B 79 10.33 7.74 -31.99
C THR B 79 10.88 7.70 -30.57
N MET B 80 12.10 8.21 -30.40
CA MET B 80 12.80 8.05 -29.15
C MET B 80 13.01 9.43 -28.54
N HIS B 81 12.64 9.59 -27.27
CA HIS B 81 12.69 10.86 -26.55
C HIS B 81 13.36 10.62 -25.22
N GLY B 82 14.57 11.13 -25.05
CA GLY B 82 15.31 10.87 -23.82
C GLY B 82 15.52 9.38 -23.63
N VAL B 83 15.17 8.86 -22.45
CA VAL B 83 15.32 7.44 -22.16
C VAL B 83 14.01 6.68 -22.37
N THR B 84 13.09 7.23 -23.17
CA THR B 84 11.85 6.54 -23.49
C THR B 84 11.63 6.45 -25.00
N LEU B 85 10.71 5.56 -25.35
CA LEU B 85 10.20 5.38 -26.70
C LEU B 85 8.73 5.77 -26.72
N LYS B 86 8.33 6.55 -27.72
CA LYS B 86 6.91 6.79 -27.98
C LYS B 86 6.52 5.98 -29.22
N ILE B 87 5.65 4.98 -29.04
CA ILE B 87 5.29 4.04 -30.08
C ILE B 87 3.88 4.39 -30.54
N LYS B 88 3.75 4.86 -31.77
CA LYS B 88 2.43 5.18 -32.27
C LYS B 88 1.76 3.94 -32.85
N VAL B 89 0.53 3.70 -32.41
CA VAL B 89 -0.26 2.56 -32.85
C VAL B 89 -1.53 3.06 -33.55
N SER B 90 -2.16 2.17 -34.34
CA SER B 90 -3.43 2.48 -34.97
C SER B 90 -4.56 2.69 -33.96
N GLN B 91 -4.52 1.97 -32.85
CA GLN B 91 -5.63 1.89 -31.92
C GLN B 91 -5.55 2.96 -30.83
N THR B 92 -6.66 3.64 -30.60
CA THR B 92 -6.79 4.57 -29.48
C THR B 92 -7.36 3.85 -28.26
N ASN B 93 -6.72 4.02 -27.10
CA ASN B 93 -7.18 3.40 -25.87
C ASN B 93 -8.49 4.06 -25.43
N MET B 94 -9.60 3.33 -25.58
CA MET B 94 -10.91 3.88 -25.22
C MET B 94 -11.09 4.07 -23.72
N HIS B 95 -10.22 3.48 -22.91
CA HIS B 95 -10.21 3.68 -21.47
C HIS B 95 -9.20 4.72 -21.01
N THR B 96 -8.61 5.50 -21.93
CA THR B 96 -7.70 6.56 -21.57
C THR B 96 -8.35 7.48 -20.55
N PRO B 97 -7.80 7.64 -19.34
CA PRO B 97 -8.39 8.59 -18.38
C PRO B 97 -8.01 10.03 -18.70
N ARG B 98 -8.80 10.97 -18.15
CA ARG B 98 -8.33 12.36 -18.10
C ARG B 98 -6.96 12.36 -17.46
N HIS B 99 -5.96 12.98 -18.10
CA HIS B 99 -4.61 12.83 -17.57
C HIS B 99 -3.71 13.99 -17.97
N SER B 100 -2.58 14.11 -17.25
CA SER B 100 -1.47 14.98 -17.62
C SER B 100 -0.18 14.27 -17.27
N PHE B 101 0.95 14.80 -17.73
CA PHE B 101 2.26 14.33 -17.31
C PHE B 101 2.92 15.40 -16.44
N ARG B 102 3.61 14.96 -15.40
CA ARG B 102 4.24 15.86 -14.44
C ARG B 102 5.53 15.24 -13.94
N THR B 103 6.52 16.10 -13.66
CA THR B 103 7.83 15.70 -13.14
C THR B 103 7.87 15.97 -11.64
N LEU B 104 8.27 14.96 -10.87
CA LEU B 104 8.25 15.05 -9.42
C LEU B 104 9.39 15.91 -8.88
N LYS B 105 9.09 16.67 -7.84
CA LYS B 105 10.12 17.36 -7.09
C LYS B 105 10.65 16.45 -5.98
N SER B 106 11.78 16.85 -5.42
CA SER B 106 12.35 16.13 -4.28
C SER B 106 11.36 16.12 -3.12
N GLY B 107 11.15 14.93 -2.53
CA GLY B 107 10.25 14.79 -1.41
C GLY B 107 8.82 14.38 -1.72
N GLU B 108 8.38 14.42 -2.98
CA GLU B 108 6.97 14.25 -3.29
C GLU B 108 6.55 12.78 -3.27
N GLY B 109 5.38 12.51 -2.68
CA GLY B 109 4.85 11.16 -2.69
C GLY B 109 4.07 10.84 -3.96
N PHE B 110 4.08 9.57 -4.36
CA PHE B 110 3.27 9.15 -5.51
C PHE B 110 2.96 7.67 -5.33
N ASN B 111 2.30 7.09 -6.34
CA ASN B 111 1.85 5.71 -6.27
C ASN B 111 2.53 4.90 -7.36
N ILE B 112 2.90 3.67 -7.07
CA ILE B 112 3.49 2.78 -8.06
C ILE B 112 2.60 1.56 -8.26
N LEU B 113 2.27 1.31 -9.51
CA LEU B 113 1.61 0.07 -9.93
C LEU B 113 2.68 -0.87 -10.49
N ALA B 114 3.10 -1.84 -9.68
CA ALA B 114 4.16 -2.74 -10.11
C ALA B 114 3.55 -3.78 -11.04
N CYS B 115 4.03 -3.80 -12.28
CA CYS B 115 3.48 -4.64 -13.34
C CYS B 115 4.53 -5.61 -13.85
N TYR B 116 4.06 -6.74 -14.37
CA TYR B 116 4.93 -7.75 -14.97
C TYR B 116 4.19 -8.36 -16.15
N ASP B 117 4.86 -8.42 -17.31
CA ASP B 117 4.27 -8.98 -18.51
C ASP B 117 3.00 -8.25 -18.93
N GLY B 118 2.92 -6.96 -18.62
CA GLY B 118 1.73 -6.16 -18.93
C GLY B 118 0.55 -6.30 -17.98
N CYS B 119 0.71 -6.98 -16.83
CA CYS B 119 -0.38 -7.19 -15.88
C CYS B 119 0.03 -6.68 -14.50
N ALA B 120 -0.83 -5.84 -13.91
CA ALA B 120 -0.57 -5.31 -12.58
C ALA B 120 -0.55 -6.41 -11.53
N GLN B 121 0.44 -6.36 -10.65
CA GLN B 121 0.58 -7.31 -9.55
C GLN B 121 0.45 -6.67 -8.17
N GLY B 122 0.92 -5.43 -7.98
CA GLY B 122 0.67 -4.79 -6.70
C GLY B 122 0.78 -3.29 -6.82
N VAL B 123 0.35 -2.61 -5.75
CA VAL B 123 0.28 -1.15 -5.73
C VAL B 123 0.71 -0.64 -4.36
N PHE B 124 1.59 0.35 -4.35
CA PHE B 124 2.09 0.88 -3.07
C PHE B 124 2.48 2.36 -3.22
N GLY B 125 2.45 3.07 -2.09
CA GLY B 125 2.90 4.46 -2.05
C GLY B 125 4.40 4.57 -1.83
N VAL B 126 5.01 5.60 -2.44
CA VAL B 126 6.44 5.89 -2.30
C VAL B 126 6.66 7.40 -2.28
N ASN B 127 7.87 7.79 -1.85
CA ASN B 127 8.36 9.16 -1.93
C ASN B 127 9.57 9.21 -2.85
N MET B 128 9.62 10.21 -3.70
CA MET B 128 10.87 10.51 -4.40
C MET B 128 11.85 11.10 -3.39
N ARG B 129 12.94 10.39 -3.14
CA ARG B 129 13.88 10.84 -2.11
C ARG B 129 14.79 11.94 -2.65
N THR B 130 15.47 12.63 -1.72
CA THR B 130 16.33 13.74 -2.12
C THR B 130 17.49 13.29 -3.00
N ASN B 131 17.89 12.02 -2.96
CA ASN B 131 18.91 11.53 -3.88
C ASN B 131 18.29 11.00 -5.19
N TRP B 132 17.01 11.26 -5.42
CA TRP B 132 16.31 10.92 -6.66
C TRP B 132 16.19 9.41 -6.88
N THR B 133 16.11 8.65 -5.80
CA THR B 133 15.75 7.24 -5.89
C THR B 133 14.49 7.03 -5.07
N ILE B 134 13.93 5.82 -5.16
CA ILE B 134 12.77 5.46 -4.35
C ILE B 134 13.04 4.11 -3.71
N ARG B 135 12.38 3.89 -2.57
CA ARG B 135 12.46 2.62 -1.85
C ARG B 135 11.35 1.72 -2.37
N GLY B 136 11.67 0.91 -3.36
CA GLY B 136 10.69 0.10 -4.04
C GLY B 136 10.92 -1.38 -3.82
N SER B 137 10.12 -2.17 -4.53
CA SER B 137 10.27 -3.62 -4.57
C SER B 137 10.01 -4.03 -6.01
N PHE B 138 11.07 -4.48 -6.71
CA PHE B 138 10.95 -4.85 -8.12
C PHE B 138 11.92 -5.97 -8.44
N ILE B 139 11.54 -6.82 -9.39
CA ILE B 139 12.41 -7.83 -9.93
C ILE B 139 12.36 -7.74 -11.46
N ASN B 140 13.07 -8.66 -12.13
CA ASN B 140 13.10 -8.64 -13.58
C ASN B 140 11.68 -8.65 -14.16
N GLY B 141 11.48 -7.86 -15.21
CA GLY B 141 10.18 -7.70 -15.82
C GLY B 141 9.38 -6.48 -15.36
N ALA B 142 9.83 -5.78 -14.32
CA ALA B 142 9.07 -4.65 -13.79
C ALA B 142 9.24 -3.36 -14.61
N CYS B 143 10.24 -3.30 -15.48
CA CYS B 143 10.54 -2.06 -16.21
C CYS B 143 9.31 -1.58 -16.98
N GLY B 144 9.10 -0.27 -16.97
CA GLY B 144 7.91 0.32 -17.54
C GLY B 144 6.73 0.44 -16.59
N SER B 145 6.82 -0.14 -15.40
CA SER B 145 5.75 0.02 -14.42
C SER B 145 5.51 1.51 -14.17
N PRO B 146 4.25 1.97 -14.17
CA PRO B 146 3.98 3.40 -14.02
C PRO B 146 3.84 3.86 -12.58
N GLY B 147 4.26 5.10 -12.36
CA GLY B 147 3.94 5.86 -11.15
C GLY B 147 2.93 6.93 -11.46
N TYR B 148 2.00 7.18 -10.51
CA TYR B 148 0.88 8.08 -10.76
C TYR B 148 0.42 8.78 -9.47
N ASN B 149 -0.32 9.85 -9.65
CA ASN B 149 -1.14 10.45 -8.61
C ASN B 149 -2.54 10.69 -9.17
N LEU B 150 -3.54 10.58 -8.30
CA LEU B 150 -4.91 10.96 -8.63
C LEU B 150 -5.18 12.32 -8.02
N LYS B 151 -5.62 13.28 -8.84
CA LYS B 151 -5.73 14.67 -8.36
C LYS B 151 -6.68 15.46 -9.24
N ASN B 152 -7.71 16.05 -8.64
CA ASN B 152 -8.60 16.99 -9.32
C ASN B 152 -9.28 16.35 -10.52
N GLY B 153 -9.79 15.13 -10.33
CA GLY B 153 -10.46 14.41 -11.40
C GLY B 153 -9.59 13.99 -12.57
N GLU B 154 -8.28 13.82 -12.38
CA GLU B 154 -7.43 13.34 -13.46
C GLU B 154 -6.28 12.53 -12.89
N VAL B 155 -5.66 11.73 -13.74
CA VAL B 155 -4.50 10.92 -13.37
C VAL B 155 -3.27 11.71 -13.80
N GLU B 156 -2.35 11.96 -12.87
CA GLU B 156 -1.06 12.56 -13.20
C GLU B 156 -0.04 11.44 -13.30
N PHE B 157 0.56 11.24 -14.48
CA PHE B 157 1.56 10.21 -14.68
C PHE B 157 2.96 10.81 -14.49
N VAL B 158 3.76 10.20 -13.60
CA VAL B 158 4.96 10.85 -13.09
C VAL B 158 6.21 9.98 -13.19
N TYR B 159 6.06 8.69 -13.46
CA TYR B 159 7.22 7.82 -13.25
C TYR B 159 7.11 6.59 -14.14
N MET B 160 8.23 6.21 -14.76
CA MET B 160 8.36 4.99 -15.55
C MET B 160 9.56 4.21 -15.02
N HIS B 161 9.34 2.99 -14.55
CA HIS B 161 10.42 2.27 -13.88
C HIS B 161 11.48 1.81 -14.88
N GLN B 162 12.75 1.95 -14.49
CA GLN B 162 13.86 1.73 -15.42
C GLN B 162 14.97 0.84 -14.86
N ILE B 163 15.49 1.08 -13.65
CA ILE B 163 16.69 0.37 -13.18
C ILE B 163 16.68 0.15 -11.67
N GLU B 164 17.45 -0.84 -11.23
CA GLU B 164 17.77 -1.07 -9.82
C GLU B 164 19.25 -0.80 -9.62
N LEU B 165 19.58 0.12 -8.70
CA LEU B 165 20.96 0.42 -8.39
C LEU B 165 21.60 -0.68 -7.57
N GLY B 166 22.93 -0.76 -7.63
CA GLY B 166 23.65 -1.75 -6.85
C GLY B 166 23.29 -1.73 -5.38
N SER B 167 22.87 -0.57 -4.87
CA SER B 167 22.40 -0.44 -3.49
C SER B 167 21.04 -1.12 -3.26
N GLY B 168 20.32 -1.48 -4.31
CA GLY B 168 18.94 -1.93 -4.19
C GLY B 168 17.91 -0.84 -4.38
N SER B 169 18.31 0.43 -4.35
CA SER B 169 17.41 1.54 -4.60
C SER B 169 16.99 1.56 -6.08
N HIS B 170 15.87 2.22 -6.35
CA HIS B 170 15.22 2.14 -7.65
C HIS B 170 15.14 3.51 -8.33
N VAL B 171 15.25 3.50 -9.66
CA VAL B 171 15.34 4.74 -10.42
C VAL B 171 14.44 4.63 -11.64
N GLY B 172 13.68 5.70 -11.90
CA GLY B 172 12.83 5.75 -13.07
C GLY B 172 12.99 7.03 -13.86
N SER B 173 12.18 7.21 -14.90
CA SER B 173 12.19 8.43 -15.69
C SER B 173 10.80 9.05 -15.65
N SER B 174 10.75 10.34 -15.97
CA SER B 174 9.45 10.91 -16.25
C SER B 174 9.02 10.47 -17.65
N PHE B 175 7.80 10.83 -18.01
CA PHE B 175 7.32 10.40 -19.32
C PHE B 175 7.77 11.32 -20.44
N ASP B 176 8.49 12.40 -20.14
CA ASP B 176 9.16 13.17 -21.17
C ASP B 176 10.57 12.64 -21.46
N GLY B 177 10.94 11.51 -20.87
CA GLY B 177 12.22 10.86 -21.11
C GLY B 177 13.38 11.27 -20.22
N VAL B 178 13.14 12.03 -19.15
CA VAL B 178 14.19 12.52 -18.27
C VAL B 178 14.37 11.56 -17.09
N MET B 179 15.53 10.94 -17.00
CA MET B 179 15.77 10.05 -15.87
C MET B 179 15.90 10.88 -14.59
N TYR B 180 15.13 10.49 -13.56
CA TYR B 180 15.27 11.15 -12.27
C TYR B 180 16.70 10.96 -11.78
N GLY B 181 17.30 12.03 -11.25
CA GLY B 181 18.67 11.98 -10.80
C GLY B 181 19.75 12.04 -11.87
N GLY B 182 19.40 11.96 -13.15
CA GLY B 182 20.43 11.94 -14.18
C GLY B 182 21.13 10.62 -14.33
N PHE B 183 20.60 9.55 -13.75
CA PHE B 183 21.16 8.22 -13.93
C PHE B 183 21.05 7.78 -15.39
N GLU B 184 21.95 6.89 -15.81
CA GLU B 184 21.97 6.44 -17.19
C GLU B 184 21.34 5.07 -17.31
N ASP B 185 20.65 4.83 -18.42
CA ASP B 185 20.07 3.51 -18.68
C ASP B 185 21.12 2.59 -19.31
N GLN B 186 22.16 2.33 -18.52
CA GLN B 186 23.30 1.52 -18.94
C GLN B 186 23.64 0.48 -17.89
N PRO B 187 24.11 -0.71 -18.29
CA PRO B 187 24.55 -1.71 -17.30
C PRO B 187 25.94 -1.40 -16.75
N ASN B 188 26.02 -0.38 -15.89
CA ASN B 188 27.23 -0.05 -15.16
C ASN B 188 26.85 0.36 -13.74
N LEU B 189 27.77 0.13 -12.80
CA LEU B 189 27.52 0.49 -11.42
C LEU B 189 27.50 2.00 -11.29
N GLN B 190 26.41 2.54 -10.75
CA GLN B 190 26.35 3.96 -10.44
C GLN B 190 25.84 4.12 -9.01
N VAL B 191 26.47 5.04 -8.29
CA VAL B 191 26.23 5.23 -6.85
C VAL B 191 25.48 6.53 -6.68
N GLU B 192 24.30 6.46 -6.08
CA GLU B 192 23.55 7.64 -5.75
C GLU B 192 24.22 8.40 -4.60
N SER B 193 23.89 9.68 -4.48
CA SER B 193 24.40 10.44 -3.33
C SER B 193 23.67 10.02 -2.05
N ALA B 194 24.16 10.52 -0.93
CA ALA B 194 23.61 10.13 0.37
C ALA B 194 22.17 10.60 0.52
N ASN B 195 21.32 9.73 1.04
CA ASN B 195 19.92 10.07 1.26
C ASN B 195 19.78 10.95 2.49
N GLN B 196 18.77 11.83 2.48
CA GLN B 196 18.48 12.68 3.62
C GLN B 196 17.09 12.37 4.16
N MET B 197 16.95 12.45 5.48
CA MET B 197 15.63 12.36 6.08
C MET B 197 14.85 13.63 5.77
N LEU B 198 13.62 13.47 5.29
CA LEU B 198 12.79 14.60 4.89
C LEU B 198 12.19 15.24 6.12
N THR B 199 12.72 16.40 6.51
CA THR B 199 12.32 17.00 7.78
C THR B 199 10.84 17.33 7.81
N VAL B 200 10.29 17.88 6.72
CA VAL B 200 8.87 18.22 6.74
C VAL B 200 8.00 16.99 6.96
N ASN B 201 8.42 15.84 6.43
CA ASN B 201 7.66 14.61 6.67
C ASN B 201 7.78 14.15 8.13
N VAL B 202 8.96 14.31 8.73
CA VAL B 202 9.10 13.93 10.13
C VAL B 202 8.25 14.84 11.02
N VAL B 203 8.21 16.13 10.70
CA VAL B 203 7.33 17.03 11.46
C VAL B 203 5.87 16.62 11.29
N ALA B 204 5.48 16.29 10.04
CA ALA B 204 4.12 15.81 9.78
C ALA B 204 3.78 14.61 10.66
N PHE B 205 4.74 13.70 10.82
CA PHE B 205 4.53 12.49 11.61
C PHE B 205 4.33 12.81 13.10
N LEU B 206 5.13 13.72 13.64
CA LEU B 206 5.00 14.08 15.05
C LEU B 206 3.69 14.81 15.32
N TYR B 207 3.24 15.61 14.37
CA TYR B 207 1.91 16.21 14.49
C TYR B 207 0.84 15.12 14.44
N ALA B 208 1.05 14.09 13.62
CA ALA B 208 0.14 12.95 13.67
C ALA B 208 0.15 12.31 15.05
N ALA B 209 1.34 12.14 15.63
CA ALA B 209 1.42 11.55 16.96
C ALA B 209 0.65 12.39 17.97
N ILE B 210 0.78 13.72 17.91
CA ILE B 210 0.09 14.57 18.87
C ILE B 210 -1.42 14.43 18.71
N LEU B 211 -1.90 14.41 17.47
CA LEU B 211 -3.33 14.34 17.23
C LEU B 211 -3.92 13.04 17.74
N ASN B 212 -3.12 11.99 17.84
CA ASN B 212 -3.54 10.71 18.41
C ASN B 212 -3.22 10.58 19.88
N GLY B 213 -2.86 11.68 20.56
CA GLY B 213 -2.58 11.60 21.97
C GLY B 213 -1.31 10.86 22.36
N CYS B 214 -0.33 10.77 21.45
CA CYS B 214 0.97 10.15 21.74
C CYS B 214 1.98 11.28 21.95
N THR B 215 2.26 11.62 23.22
CA THR B 215 3.00 12.85 23.50
C THR B 215 4.09 12.71 24.56
N TRP B 216 4.53 11.50 24.89
CA TRP B 216 5.58 11.34 25.90
C TRP B 216 6.84 12.13 25.53
N TRP B 217 7.21 12.09 24.25
CA TRP B 217 8.43 12.71 23.74
C TRP B 217 8.40 14.24 23.72
N LEU B 218 7.23 14.84 23.87
CA LEU B 218 7.09 16.28 23.65
C LEU B 218 7.51 17.07 24.89
N LYS B 219 8.51 17.93 24.74
CA LYS B 219 8.98 18.77 25.83
C LYS B 219 8.56 20.22 25.56
N GLY B 220 9.05 21.15 26.38
CA GLY B 220 8.64 22.53 26.26
C GLY B 220 9.64 23.40 25.52
N GLU B 221 10.86 22.89 25.34
CA GLU B 221 11.91 23.69 24.74
C GLU B 221 11.68 23.89 23.24
N LYS B 222 12.19 25.01 22.72
CA LYS B 222 11.97 25.43 21.35
C LYS B 222 13.31 25.54 20.62
N LEU B 223 13.37 24.97 19.41
CA LEU B 223 14.57 25.04 18.57
C LEU B 223 14.26 25.90 17.35
N PHE B 224 14.90 27.06 17.25
CA PHE B 224 14.62 27.99 16.17
C PHE B 224 15.05 27.41 14.82
N VAL B 225 14.29 27.77 13.78
CA VAL B 225 14.43 27.11 12.48
C VAL B 225 15.86 27.19 11.96
N GLU B 226 16.51 28.34 12.12
CA GLU B 226 17.87 28.50 11.60
C GLU B 226 18.87 27.62 12.34
N HIS B 227 18.69 27.46 13.66
CA HIS B 227 19.56 26.56 14.41
C HIS B 227 19.32 25.10 14.04
N TYR B 228 18.05 24.70 13.90
CA TYR B 228 17.75 23.36 13.42
C TYR B 228 18.40 23.10 12.06
N ASN B 229 18.24 24.02 11.11
CA ASN B 229 18.81 23.83 9.78
C ASN B 229 20.33 23.65 9.84
N GLU B 230 21.00 24.32 10.77
CA GLU B 230 22.44 24.09 10.95
C GLU B 230 22.70 22.66 11.44
N TRP B 231 21.93 22.22 12.44
CA TRP B 231 22.05 20.85 12.91
C TRP B 231 21.72 19.86 11.80
N ALA B 232 20.75 20.20 10.95
CA ALA B 232 20.30 19.28 9.91
C ALA B 232 21.38 19.02 8.88
N GLN B 233 22.02 20.09 8.39
CA GLN B 233 23.03 19.98 7.34
C GLN B 233 24.18 19.06 7.74
N ALA B 234 24.38 18.84 9.04
CA ALA B 234 25.45 17.97 9.50
C ALA B 234 24.97 16.62 10.01
N ASN B 235 23.65 16.40 10.10
CA ASN B 235 23.13 15.15 10.66
C ASN B 235 22.28 14.37 9.66
N GLY B 236 22.36 14.70 8.38
CA GLY B 236 21.65 13.96 7.35
C GLY B 236 20.15 14.21 7.29
N PHE B 237 19.72 15.42 7.61
CA PHE B 237 18.32 15.83 7.55
C PHE B 237 18.19 17.02 6.59
N THR B 238 17.05 17.13 5.93
CA THR B 238 16.77 18.29 5.08
C THR B 238 16.42 19.50 5.94
N ALA B 239 16.59 20.68 5.35
CA ALA B 239 16.23 21.91 6.05
C ALA B 239 14.72 22.02 6.21
N MET B 240 14.29 22.76 7.22
CA MET B 240 12.87 22.98 7.44
C MET B 240 12.36 24.05 6.47
N ASN B 241 11.27 23.73 5.77
CA ASN B 241 10.68 24.61 4.78
C ASN B 241 9.16 24.53 4.84
N GLY B 242 8.51 25.40 4.07
CA GLY B 242 7.06 25.35 3.91
C GLY B 242 6.28 25.30 5.21
N GLU B 243 6.67 26.11 6.20
CA GLU B 243 6.04 26.08 7.51
C GLU B 243 4.59 26.57 7.46
N ASP B 244 4.03 26.68 6.26
CA ASP B 244 2.71 27.29 6.09
C ASP B 244 1.58 26.33 6.42
N ALA B 245 1.59 25.14 5.81
CA ALA B 245 0.58 24.15 6.18
C ALA B 245 0.74 23.73 7.63
N PHE B 246 1.96 23.80 8.17
CA PHE B 246 2.19 23.47 9.56
C PHE B 246 1.62 24.51 10.51
N SER B 247 1.50 25.77 10.05
CA SER B 247 0.84 26.79 10.84
C SER B 247 -0.58 26.38 11.18
N ILE B 248 -1.28 25.74 10.23
CA ILE B 248 -2.62 25.24 10.51
C ILE B 248 -2.58 24.20 11.62
N LEU B 249 -1.70 23.19 11.49
CA LEU B 249 -1.60 22.16 12.52
C LEU B 249 -1.13 22.74 13.86
N ALA B 250 -0.17 23.67 13.81
CA ALA B 250 0.27 24.34 15.03
C ALA B 250 -0.88 25.05 15.72
N ALA B 251 -1.74 25.70 14.92
CA ALA B 251 -2.92 26.38 15.47
C ALA B 251 -3.90 25.39 16.10
N LYS B 252 -4.10 24.23 15.48
CA LYS B 252 -5.10 23.30 16.02
C LYS B 252 -4.58 22.59 17.27
N THR B 253 -3.31 22.20 17.27
CA THR B 253 -2.73 21.41 18.35
C THR B 253 -2.17 22.25 19.48
N GLY B 254 -1.97 23.55 19.25
CA GLY B 254 -1.32 24.39 20.22
C GLY B 254 0.17 24.18 20.33
N VAL B 255 0.78 23.42 19.41
CA VAL B 255 2.20 23.08 19.49
C VAL B 255 2.90 23.69 18.29
N CYS B 256 3.83 24.59 18.54
CA CYS B 256 4.54 25.26 17.46
C CYS B 256 5.59 24.32 16.85
N VAL B 257 5.96 24.60 15.61
CA VAL B 257 6.90 23.73 14.90
C VAL B 257 8.24 23.66 15.61
N GLU B 258 8.62 24.72 16.32
CA GLU B 258 9.93 24.75 16.95
C GLU B 258 10.07 23.71 18.06
N ARG B 259 8.97 23.34 18.72
CA ARG B 259 9.05 22.28 19.70
C ARG B 259 9.25 20.91 19.04
N LEU B 260 8.74 20.73 17.82
CA LEU B 260 8.93 19.45 17.12
C LEU B 260 10.34 19.34 16.55
N LEU B 261 10.90 20.45 16.07
CA LEU B 261 12.27 20.43 15.56
C LEU B 261 13.24 20.05 16.68
N HIS B 262 12.99 20.55 17.89
CA HIS B 262 13.78 20.16 19.05
C HIS B 262 13.65 18.67 19.32
N ALA B 263 12.41 18.16 19.27
CA ALA B 263 12.16 16.74 19.49
C ALA B 263 12.91 15.88 18.48
N ILE B 264 12.94 16.30 17.21
CA ILE B 264 13.69 15.56 16.20
C ILE B 264 15.14 15.42 16.62
N GLN B 265 15.76 16.54 16.98
CA GLN B 265 17.16 16.54 17.43
C GLN B 265 17.40 15.55 18.56
N VAL B 266 16.43 15.38 19.46
CA VAL B 266 16.57 14.45 20.58
C VAL B 266 16.24 13.02 20.15
N LEU B 267 15.09 12.84 19.51
CA LEU B 267 14.64 11.51 19.10
C LEU B 267 15.53 10.90 18.02
N ASN B 268 16.38 11.69 17.38
CA ASN B 268 17.26 11.13 16.36
C ASN B 268 18.22 10.10 16.95
N ASN B 269 18.56 10.25 18.22
CA ASN B 269 19.46 9.31 18.89
C ASN B 269 18.72 8.08 19.43
N GLY B 270 17.53 7.78 18.93
CA GLY B 270 16.83 6.58 19.35
C GLY B 270 15.68 6.89 20.30
N PHE B 271 14.74 5.95 20.36
CA PHE B 271 13.50 6.14 21.09
C PHE B 271 13.57 5.67 22.54
N GLY B 272 14.73 5.21 23.00
CA GLY B 272 14.87 4.79 24.38
C GLY B 272 14.03 3.59 24.78
N GLY B 273 13.65 2.75 23.81
CA GLY B 273 12.79 1.62 24.10
C GLY B 273 11.35 1.83 23.67
N LYS B 274 10.84 3.03 23.94
CA LYS B 274 9.43 3.39 23.69
C LYS B 274 9.12 3.36 22.19
N GLN B 275 7.91 3.79 21.84
CA GLN B 275 7.47 3.77 20.45
C GLN B 275 6.56 4.96 20.18
N ILE B 276 6.46 5.36 18.90
CA ILE B 276 5.63 6.49 18.48
C ILE B 276 4.74 6.00 17.34
N LEU B 277 3.43 5.91 17.59
CA LEU B 277 2.47 5.37 16.62
C LEU B 277 2.90 3.99 16.14
N GLY B 278 3.47 3.21 17.05
CA GLY B 278 3.93 1.88 16.71
C GLY B 278 5.27 1.83 15.99
N TYR B 279 5.90 2.96 15.73
CA TYR B 279 7.20 2.99 15.09
C TYR B 279 8.28 3.12 16.14
N SER B 280 9.40 2.43 15.92
CA SER B 280 10.50 2.43 16.88
C SER B 280 11.57 3.47 16.57
N SER B 281 11.35 4.34 15.59
CA SER B 281 12.35 5.34 15.23
C SER B 281 11.68 6.39 14.35
N LEU B 282 12.39 7.50 14.11
CA LEU B 282 11.82 8.59 13.35
C LEU B 282 11.43 8.11 11.96
N ASN B 283 10.28 8.58 11.48
CA ASN B 283 9.67 8.09 10.25
C ASN B 283 9.40 9.28 9.34
N ASP B 284 9.98 9.26 8.14
CA ASP B 284 9.78 10.35 7.18
C ASP B 284 8.99 9.90 5.96
N GLU B 285 8.21 8.82 6.08
CA GLU B 285 7.49 8.29 4.93
C GLU B 285 6.18 9.03 4.63
N PHE B 286 5.66 9.82 5.59
CA PHE B 286 4.35 10.47 5.45
C PHE B 286 4.51 11.97 5.25
N SER B 287 3.90 12.49 4.19
CA SER B 287 3.86 13.92 3.94
C SER B 287 2.72 14.56 4.72
N ILE B 288 2.78 15.90 4.80
CA ILE B 288 1.76 16.66 5.51
C ILE B 288 0.41 16.44 4.86
N ASN B 289 0.39 16.31 3.53
CA ASN B 289 -0.86 16.03 2.83
C ASN B 289 -1.45 14.69 3.24
N GLU B 290 -0.61 13.64 3.26
CA GLU B 290 -1.10 12.30 3.65
C GLU B 290 -1.68 12.31 5.06
N VAL B 291 -1.02 13.03 5.97
CA VAL B 291 -1.47 13.03 7.34
C VAL B 291 -2.82 13.74 7.45
N VAL B 292 -2.94 14.90 6.82
CA VAL B 292 -4.18 15.65 6.86
C VAL B 292 -5.31 14.88 6.16
N LYS B 293 -5.00 14.26 5.02
CA LYS B 293 -6.02 13.51 4.29
C LYS B 293 -6.51 12.31 5.07
N GLN B 294 -5.60 11.58 5.72
CA GLN B 294 -5.98 10.35 6.40
C GLN B 294 -6.73 10.63 7.70
N MET B 295 -6.43 11.72 8.38
CA MET B 295 -7.03 11.91 9.69
C MET B 295 -8.21 12.87 9.67
N PHE B 296 -8.21 13.84 8.77
CA PHE B 296 -9.30 14.79 8.67
C PHE B 296 -10.07 14.73 7.35
N GLY B 297 -9.63 13.90 6.40
CA GLY B 297 -10.38 13.72 5.16
C GLY B 297 -10.29 14.83 4.13
N VAL B 298 -9.31 15.73 4.24
CA VAL B 298 -9.26 16.90 3.35
C VAL B 298 -7.93 16.92 2.62
N ASN B 299 -7.95 17.45 1.41
CA ASN B 299 -6.78 17.50 0.54
C ASN B 299 -5.95 18.75 0.76
#